data_6YB0
#
_entry.id   6YB0
#
_cell.length_a   76.404
_cell.length_b   81.566
_cell.length_c   90.625
_cell.angle_alpha   90.000
_cell.angle_beta   90.000
_cell.angle_gamma   90.000
#
_symmetry.space_group_name_H-M   'P 21 21 21'
#
loop_
_entity.id
_entity.type
_entity.pdbx_description
1 polymer CC-Type2-(TaSd)2
2 water water
#
_entity_poly.entity_id   1
_entity_poly.type   'polypeptide(L)'
_entity_poly.pdbx_seq_one_letter_code
;(ACE)GEIAQALKEIAQALKESAKATKESAWATKEIAQALKG(NH2)
;
_entity_poly.pdbx_strand_id   A,B,C,D,E,F,G,H,I,J,K,L
#
# COMPACT_ATOMS: atom_id res chain seq x y z
N GLY A 2 -10.10 -17.34 21.58
CA GLY A 2 -10.67 -16.00 21.38
C GLY A 2 -9.80 -15.13 20.50
N GLU A 3 -8.81 -14.47 21.10
CA GLU A 3 -7.89 -13.59 20.36
C GLU A 3 -7.03 -14.36 19.34
N ILE A 4 -6.55 -15.53 19.75
CA ILE A 4 -5.73 -16.40 18.89
C ILE A 4 -6.57 -16.95 17.76
N ALA A 5 -7.73 -17.52 18.09
CA ALA A 5 -8.65 -18.05 17.09
C ALA A 5 -9.06 -16.96 16.08
N GLN A 6 -9.36 -15.76 16.58
CA GLN A 6 -9.77 -14.66 15.71
C GLN A 6 -8.68 -14.25 14.73
N ALA A 7 -7.44 -14.11 15.23
CA ALA A 7 -6.31 -13.77 14.37
C ALA A 7 -6.12 -14.85 13.30
N LEU A 8 -6.26 -16.12 13.69
CA LEU A 8 -6.12 -17.22 12.74
C LEU A 8 -7.21 -17.21 11.64
N LYS A 9 -8.44 -16.84 12.02
CA LYS A 9 -9.50 -16.69 11.04
C LYS A 9 -9.21 -15.56 10.04
N GLU A 10 -8.62 -14.46 10.52
CA GLU A 10 -8.24 -13.35 9.65
C GLU A 10 -7.11 -13.75 8.71
N ILE A 11 -6.16 -14.53 9.22
CA ILE A 11 -5.05 -15.07 8.44
C ILE A 11 -5.60 -15.98 7.35
N ALA A 12 -6.52 -16.89 7.72
CA ALA A 12 -7.13 -17.79 6.76
C ALA A 12 -7.81 -16.99 5.63
N GLN A 13 -8.55 -15.94 5.98
CA GLN A 13 -9.28 -15.16 5.00
C GLN A 13 -8.33 -14.44 4.02
N ALA A 14 -7.27 -13.85 4.56
CA ALA A 14 -6.29 -13.13 3.73
C ALA A 14 -5.59 -14.11 2.76
N LEU A 15 -5.28 -15.32 3.25
CA LEU A 15 -4.63 -16.33 2.43
C LEU A 15 -5.55 -16.88 1.33
N LYS A 16 -6.85 -17.00 1.61
CA LYS A 16 -7.80 -17.36 0.59
C LYS A 16 -7.86 -16.32 -0.53
N GLU A 17 -7.86 -15.03 -0.15
CA GLU A 17 -7.91 -13.94 -1.13
C GLU A 17 -6.63 -13.94 -1.97
N SER A 18 -5.49 -14.15 -1.30
CA SER A 18 -4.23 -14.19 -1.98
C SER A 18 -4.12 -15.38 -2.97
N ALA A 19 -4.60 -16.55 -2.55
CA ALA A 19 -4.63 -17.72 -3.42
C ALA A 19 -5.46 -17.46 -4.70
N LYS A 20 -6.63 -16.83 -4.55
CA LYS A 20 -7.47 -16.51 -5.69
C LYS A 20 -6.73 -15.59 -6.68
N ALA A 21 -6.10 -14.54 -6.15
CA ALA A 21 -5.35 -13.60 -6.97
C ALA A 21 -4.11 -14.25 -7.66
N THR A 22 -3.44 -15.15 -6.94
CA THR A 22 -2.30 -15.88 -7.49
C THR A 22 -2.74 -16.77 -8.66
N LYS A 23 -3.90 -17.41 -8.52
CA LYS A 23 -4.46 -18.19 -9.62
C LYS A 23 -4.74 -17.31 -10.87
N GLU A 24 -5.36 -16.15 -10.66
CA GLU A 24 -5.69 -15.24 -11.76
C GLU A 24 -4.41 -14.75 -12.45
N SER A 25 -3.40 -14.40 -11.64
CA SER A 25 -2.11 -14.02 -12.17
C SER A 25 -1.42 -15.12 -12.99
N ALA A 26 -1.45 -16.36 -12.47
CA ALA A 26 -0.90 -17.50 -13.16
C ALA A 26 -1.55 -17.69 -14.54
N TRP A 27 -2.88 -17.59 -14.62
CA TRP A 27 -3.57 -17.71 -15.89
C TRP A 27 -3.14 -16.63 -16.87
N ALA A 28 -3.07 -15.39 -16.40
CA ALA A 28 -2.63 -14.26 -17.25
C ALA A 28 -1.20 -14.48 -17.75
N THR A 29 -0.31 -14.99 -16.88
CA THR A 29 1.08 -15.25 -17.26
C THR A 29 1.15 -16.34 -18.35
N LYS A 30 0.33 -17.38 -18.22
CA LYS A 30 0.20 -18.40 -19.28
C LYS A 30 -0.24 -17.79 -20.60
N GLU A 31 -1.21 -16.86 -20.55
CA GLU A 31 -1.66 -16.19 -21.77
C GLU A 31 -0.57 -15.34 -22.40
N ILE A 32 0.25 -14.68 -21.57
CA ILE A 32 1.38 -13.90 -22.05
C ILE A 32 2.38 -14.82 -22.76
N ALA A 33 2.70 -15.96 -22.14
CA ALA A 33 3.64 -16.93 -22.71
C ALA A 33 3.13 -17.40 -24.09
N GLN A 34 1.83 -17.71 -24.15
CA GLN A 34 1.23 -18.16 -25.39
C GLN A 34 1.27 -17.09 -26.47
N ALA A 35 0.97 -15.84 -26.11
CA ALA A 35 1.02 -14.72 -27.06
C ALA A 35 2.44 -14.47 -27.59
N LEU A 36 3.45 -14.59 -26.72
CA LEU A 36 4.83 -14.39 -27.14
C LEU A 36 5.40 -15.55 -27.95
N LYS A 37 4.87 -16.76 -27.78
CA LYS A 37 5.30 -17.90 -28.56
C LYS A 37 4.78 -17.80 -29.99
N GLY A 38 3.63 -17.14 -30.17
CA GLY A 38 2.98 -16.97 -31.46
C GLY A 38 1.75 -17.85 -31.58
N GLY B 2 -1.70 -11.30 24.76
CA GLY B 2 -0.32 -11.85 25.01
C GLY B 2 0.65 -11.77 23.83
N GLU B 3 1.84 -12.34 24.02
CA GLU B 3 2.92 -12.33 23.04
C GLU B 3 2.57 -13.11 21.76
N ILE B 4 1.89 -14.25 21.94
CA ILE B 4 1.49 -15.10 20.83
C ILE B 4 0.37 -14.41 20.05
N ALA B 5 -0.65 -13.92 20.76
CA ALA B 5 -1.73 -13.18 20.13
C ALA B 5 -1.21 -11.95 19.34
N GLN B 6 -0.27 -11.22 19.94
CA GLN B 6 0.28 -10.02 19.31
C GLN B 6 1.03 -10.37 18.01
N ALA B 7 1.86 -11.41 18.05
CA ALA B 7 2.58 -11.84 16.86
C ALA B 7 1.59 -12.25 15.76
N LEU B 8 0.53 -12.96 16.14
CA LEU B 8 -0.49 -13.38 15.19
C LEU B 8 -1.24 -12.21 14.55
N LYS B 9 -1.50 -11.16 15.33
CA LYS B 9 -2.10 -9.93 14.79
C LYS B 9 -1.19 -9.26 13.77
N GLU B 10 0.12 -9.26 14.04
CA GLU B 10 1.09 -8.69 13.09
C GLU B 10 1.16 -9.51 11.80
N ILE B 11 1.09 -10.83 11.95
CA ILE B 11 1.06 -11.76 10.81
C ILE B 11 -0.20 -11.49 9.98
N ALA B 12 -1.35 -11.39 10.65
CA ALA B 12 -2.61 -11.09 9.96
C ALA B 12 -2.50 -9.80 9.15
N GLN B 13 -1.94 -8.75 9.75
CA GLN B 13 -1.83 -7.44 9.08
C GLN B 13 -0.93 -7.51 7.85
N ALA B 14 0.22 -8.19 7.98
CA ALA B 14 1.15 -8.34 6.86
C ALA B 14 0.52 -9.12 5.72
N LEU B 15 -0.25 -10.16 6.03
CA LEU B 15 -0.93 -10.97 5.03
C LEU B 15 -2.07 -10.22 4.34
N LYS B 16 -2.76 -9.34 5.07
CA LYS B 16 -3.76 -8.47 4.45
C LYS B 16 -3.11 -7.55 3.42
N GLU B 17 -1.95 -6.97 3.77
CA GLU B 17 -1.24 -6.07 2.86
C GLU B 17 -0.74 -6.83 1.63
N SER B 18 -0.22 -8.03 1.87
CA SER B 18 0.26 -8.88 0.81
C SER B 18 -0.88 -9.31 -0.16
N ALA B 19 -2.04 -9.66 0.38
CA ALA B 19 -3.21 -10.00 -0.42
C ALA B 19 -3.62 -8.83 -1.34
N LYS B 20 -3.63 -7.61 -0.81
CA LYS B 20 -3.97 -6.43 -1.59
C LYS B 20 -2.98 -6.24 -2.76
N ALA B 21 -1.69 -6.35 -2.46
CA ALA B 21 -0.64 -6.22 -3.47
C ALA B 21 -0.71 -7.33 -4.54
N THR B 22 -1.02 -8.55 -4.13
CA THR B 22 -1.16 -9.68 -5.05
C THR B 22 -2.36 -9.46 -5.99
N LYS B 23 -3.44 -8.92 -5.45
CA LYS B 23 -4.59 -8.56 -6.27
C LYS B 23 -4.24 -7.50 -7.32
N GLU B 24 -3.54 -6.45 -6.89
CA GLU B 24 -3.15 -5.37 -7.82
C GLU B 24 -2.23 -5.89 -8.89
N SER B 25 -1.29 -6.75 -8.52
CA SER B 25 -0.41 -7.39 -9.47
C SER B 25 -1.17 -8.25 -10.50
N ALA B 26 -2.12 -9.06 -10.02
CA ALA B 26 -2.96 -9.85 -10.89
C ALA B 26 -3.72 -8.99 -11.91
N TRP B 27 -4.31 -7.88 -11.48
CA TRP B 27 -5.03 -6.98 -12.37
C TRP B 27 -4.09 -6.45 -13.47
N ALA B 28 -2.90 -5.99 -13.06
CA ALA B 28 -1.95 -5.46 -14.03
C ALA B 28 -1.49 -6.55 -15.02
N THR B 29 -1.27 -7.78 -14.52
CA THR B 29 -0.87 -8.89 -15.37
C THR B 29 -1.93 -9.24 -16.40
N LYS B 30 -3.21 -9.19 -15.98
CA LYS B 30 -4.31 -9.35 -16.93
C LYS B 30 -4.29 -8.30 -18.01
N GLU B 31 -4.00 -7.05 -17.64
CA GLU B 31 -3.90 -5.97 -18.62
C GLU B 31 -2.75 -6.19 -19.63
N ILE B 32 -1.62 -6.70 -19.13
CA ILE B 32 -0.50 -7.05 -19.99
C ILE B 32 -0.91 -8.15 -21.00
N ALA B 33 -1.59 -9.19 -20.50
CA ALA B 33 -2.06 -10.28 -21.36
C ALA B 33 -2.98 -9.75 -22.45
N GLN B 34 -3.90 -8.86 -22.06
CA GLN B 34 -4.87 -8.26 -22.99
C GLN B 34 -4.13 -7.41 -24.04
N ALA B 35 -3.14 -6.62 -23.64
CA ALA B 35 -2.37 -5.81 -24.56
C ALA B 35 -1.57 -6.67 -25.57
N LEU B 36 -1.00 -7.78 -25.10
CA LEU B 36 -0.22 -8.65 -25.96
C LEU B 36 -1.08 -9.52 -26.88
N LYS B 37 -2.35 -9.78 -26.54
CA LYS B 37 -3.27 -10.58 -27.39
C LYS B 37 -3.85 -9.90 -28.66
N GLY C 2 8.99 -17.04 24.71
CA GLY C 2 9.21 -18.51 24.44
C GLY C 2 9.61 -18.86 23.02
N GLU C 3 9.80 -20.16 22.77
CA GLU C 3 10.19 -20.69 21.46
C GLU C 3 9.12 -20.46 20.38
N ILE C 4 7.85 -20.63 20.77
CA ILE C 4 6.71 -20.43 19.89
C ILE C 4 6.57 -18.95 19.56
N ALA C 5 6.58 -18.09 20.59
CA ALA C 5 6.52 -16.64 20.39
C ALA C 5 7.65 -16.15 19.49
N GLN C 6 8.87 -16.64 19.72
CA GLN C 6 10.03 -16.23 18.94
C GLN C 6 9.88 -16.60 17.45
N ALA C 7 9.46 -17.84 17.19
CA ALA C 7 9.24 -18.28 15.81
C ALA C 7 8.17 -17.42 15.14
N LEU C 8 7.11 -17.09 15.87
CA LEU C 8 6.04 -16.25 15.33
C LEU C 8 6.51 -14.82 15.02
N LYS C 9 7.40 -14.27 15.84
CA LYS C 9 8.00 -12.97 15.55
C LYS C 9 8.85 -13.01 14.29
N GLU C 10 9.58 -14.10 14.07
CA GLU C 10 10.38 -14.26 12.86
C GLU C 10 9.49 -14.39 11.62
N ILE C 11 8.37 -15.11 11.78
CA ILE C 11 7.37 -15.26 10.71
C ILE C 11 6.78 -13.89 10.37
N ALA C 12 6.41 -13.13 11.40
CA ALA C 12 5.86 -11.78 11.19
C ALA C 12 6.83 -10.92 10.40
N GLN C 13 8.12 -10.95 10.76
CA GLN C 13 9.13 -10.11 10.12
C GLN C 13 9.33 -10.50 8.66
N ALA C 14 9.39 -11.80 8.38
CA ALA C 14 9.56 -12.28 7.00
C ALA C 14 8.35 -11.88 6.12
N LEU C 15 7.14 -11.95 6.69
CA LEU C 15 5.93 -11.58 5.99
C LEU C 15 5.84 -10.08 5.73
N LYS C 16 6.33 -9.27 6.67
CA LYS C 16 6.41 -7.83 6.45
C LYS C 16 7.33 -7.51 5.27
N GLU C 17 8.49 -8.18 5.21
CA GLU C 17 9.45 -7.96 4.13
C GLU C 17 8.87 -8.40 2.79
N SER C 18 8.19 -9.54 2.80
CA SER C 18 7.55 -10.06 1.61
C SER C 18 6.44 -9.12 1.09
N ALA C 19 5.61 -8.61 2.01
CA ALA C 19 4.58 -7.67 1.64
C ALA C 19 5.14 -6.40 0.98
N LYS C 20 6.24 -5.86 1.52
CA LYS C 20 6.87 -4.67 0.95
C LYS C 20 7.34 -4.97 -0.49
N ALA C 21 8.00 -6.12 -0.69
CA ALA C 21 8.49 -6.51 -1.99
C ALA C 21 7.34 -6.76 -3.01
N THR C 22 6.25 -7.37 -2.55
CA THR C 22 5.09 -7.61 -3.38
C THR C 22 4.45 -6.28 -3.83
N LYS C 23 4.40 -5.31 -2.93
CA LYS C 23 3.92 -3.98 -3.31
C LYS C 23 4.79 -3.32 -4.39
N GLU C 24 6.13 -3.40 -4.22
CA GLU C 24 7.05 -2.82 -5.20
C GLU C 24 6.90 -3.50 -6.56
N SER C 25 6.79 -4.84 -6.53
CA SER C 25 6.56 -5.62 -7.74
C SER C 25 5.22 -5.25 -8.45
N ALA C 26 4.15 -5.10 -7.67
CA ALA C 26 2.86 -4.68 -8.19
C ALA C 26 2.96 -3.33 -8.91
N TRP C 27 3.65 -2.35 -8.30
CA TRP C 27 3.81 -1.04 -8.91
C TRP C 27 4.56 -1.17 -10.26
N ALA C 28 5.65 -1.93 -10.28
CA ALA C 28 6.42 -2.13 -11.50
C ALA C 28 5.58 -2.84 -12.59
N THR C 29 4.76 -3.81 -12.19
CA THR C 29 3.89 -4.51 -13.13
C THR C 29 2.85 -3.56 -13.74
N LYS C 30 2.30 -2.66 -12.92
CA LYS C 30 1.43 -1.61 -13.44
C LYS C 30 2.14 -0.72 -14.45
N GLU C 31 3.40 -0.38 -14.19
CA GLU C 31 4.18 0.40 -15.13
C GLU C 31 4.42 -0.32 -16.46
N ILE C 32 4.65 -1.63 -16.38
CA ILE C 32 4.78 -2.46 -17.58
C ILE C 32 3.50 -2.43 -18.40
N ALA C 33 2.35 -2.60 -17.72
CA ALA C 33 1.04 -2.59 -18.37
C ALA C 33 0.83 -1.26 -19.09
N GLN C 34 1.17 -0.15 -18.39
CA GLN C 34 1.02 1.18 -18.97
C GLN C 34 1.93 1.36 -20.19
N ALA C 35 3.17 0.89 -20.13
CA ALA C 35 4.09 0.98 -21.26
C ALA C 35 3.61 0.17 -22.47
N LEU C 36 3.05 -1.02 -22.24
CA LEU C 36 2.56 -1.86 -23.31
C LEU C 36 1.23 -1.37 -23.91
N LYS C 37 0.44 -0.63 -23.13
CA LYS C 37 -0.81 -0.07 -23.64
C LYS C 37 -0.52 1.10 -24.59
N GLY C 38 0.61 1.79 -24.37
CA GLY C 38 1.02 2.94 -25.16
C GLY C 38 0.80 4.24 -24.38
N GLY D 2 7.84 -28.49 21.11
CA GLY D 2 8.73 -29.36 20.33
C GLY D 2 8.23 -29.55 18.91
N GLU D 3 7.18 -30.36 18.73
CA GLU D 3 6.61 -30.61 17.38
C GLU D 3 6.03 -29.32 16.81
N ILE D 4 5.33 -28.54 17.65
CA ILE D 4 4.73 -27.28 17.24
C ILE D 4 5.82 -26.25 16.98
N ALA D 5 6.73 -26.10 17.96
CA ALA D 5 7.87 -25.19 17.80
C ALA D 5 8.70 -25.52 16.56
N GLN D 6 8.96 -26.81 16.33
CA GLN D 6 9.77 -27.25 15.21
C GLN D 6 9.11 -26.91 13.87
N ALA D 7 7.80 -27.18 13.75
CA ALA D 7 7.06 -26.86 12.54
C ALA D 7 7.11 -25.35 12.29
N LEU D 8 6.95 -24.55 13.36
CA LEU D 8 7.00 -23.10 13.23
C LEU D 8 8.37 -22.58 12.78
N LYS D 9 9.45 -23.20 13.25
CA LYS D 9 10.80 -22.88 12.78
C LYS D 9 10.98 -23.17 11.30
N GLU D 10 10.41 -24.28 10.83
CA GLU D 10 10.47 -24.63 9.40
C GLU D 10 9.66 -23.64 8.55
N ILE D 11 8.51 -23.22 9.09
CA ILE D 11 7.67 -22.21 8.45
C ILE D 11 8.45 -20.89 8.34
N ALA D 12 9.06 -20.47 9.45
CA ALA D 12 9.87 -19.25 9.47
C ALA D 12 10.96 -19.30 8.39
N GLN D 13 11.67 -20.43 8.27
CA GLN D 13 12.76 -20.56 7.33
C GLN D 13 12.27 -20.48 5.87
N ALA D 14 11.16 -21.16 5.57
CA ALA D 14 10.59 -21.14 4.23
C ALA D 14 10.14 -19.72 3.84
N LEU D 15 9.54 -19.00 4.80
CA LEU D 15 9.10 -17.63 4.57
C LEU D 15 10.25 -16.66 4.38
N LYS D 16 11.37 -16.87 5.10
CA LYS D 16 12.56 -16.07 4.87
C LYS D 16 13.08 -16.24 3.46
N GLU D 17 13.12 -17.50 2.98
CA GLU D 17 13.61 -17.78 1.64
C GLU D 17 12.71 -17.17 0.59
N SER D 18 11.39 -17.28 0.81
CA SER D 18 10.42 -16.73 -0.09
C SER D 18 10.51 -15.18 -0.16
N ALA D 19 10.66 -14.53 1.00
CA ALA D 19 10.83 -13.08 1.05
C ALA D 19 12.05 -12.62 0.25
N LYS D 20 13.17 -13.33 0.38
CA LYS D 20 14.39 -12.97 -0.35
C LYS D 20 14.15 -13.07 -1.86
N ALA D 21 13.52 -14.16 -2.30
CA ALA D 21 13.24 -14.36 -3.71
C ALA D 21 12.23 -13.32 -4.27
N THR D 22 11.23 -12.96 -3.47
CA THR D 22 10.26 -11.95 -3.85
C THR D 22 10.94 -10.58 -4.03
N LYS D 23 11.88 -10.26 -3.14
CA LYS D 23 12.66 -9.03 -3.29
C LYS D 23 13.47 -9.01 -4.61
N GLU D 24 14.14 -10.11 -4.89
CA GLU D 24 14.97 -10.22 -6.12
C GLU D 24 14.10 -10.12 -7.35
N SER D 25 12.95 -10.78 -7.32
CA SER D 25 11.96 -10.69 -8.40
C SER D 25 11.44 -9.27 -8.61
N ALA D 26 11.12 -8.57 -7.52
CA ALA D 26 10.70 -7.18 -7.56
C ALA D 26 11.73 -6.29 -8.25
N TRP D 27 13.02 -6.46 -7.90
CA TRP D 27 14.08 -5.67 -8.54
C TRP D 27 14.10 -5.93 -10.06
N ALA D 28 14.05 -7.21 -10.45
CA ALA D 28 14.07 -7.56 -11.87
C ALA D 28 12.82 -7.00 -12.61
N THR D 29 11.66 -7.01 -11.96
CA THR D 29 10.44 -6.46 -12.54
C THR D 29 10.56 -4.93 -12.76
N LYS D 30 11.17 -4.24 -11.80
CA LYS D 30 11.50 -2.83 -11.98
C LYS D 30 12.41 -2.59 -13.17
N GLU D 31 13.40 -3.47 -13.35
CA GLU D 31 14.28 -3.36 -14.53
C GLU D 31 13.57 -3.58 -15.84
N ILE D 32 12.61 -4.51 -15.86
CA ILE D 32 11.75 -4.74 -17.02
C ILE D 32 10.95 -3.48 -17.34
N ALA D 33 10.33 -2.87 -16.31
CA ALA D 33 9.55 -1.65 -16.48
C ALA D 33 10.43 -0.53 -17.09
N GLN D 34 11.64 -0.39 -16.56
CA GLN D 34 12.58 0.63 -17.02
C GLN D 34 12.98 0.36 -18.49
N ALA D 35 13.24 -0.90 -18.87
CA ALA D 35 13.58 -1.25 -20.22
C ALA D 35 12.44 -0.97 -21.21
N LEU D 36 11.21 -1.25 -20.80
CA LEU D 36 10.05 -1.03 -21.65
C LEU D 36 9.65 0.45 -21.75
N LYS D 37 9.99 1.27 -20.75
CA LYS D 37 9.71 2.70 -20.79
C LYS D 37 10.66 3.39 -21.76
N GLY D 38 11.87 2.84 -21.94
CA GLY D 38 12.87 3.39 -22.82
C GLY D 38 13.01 2.57 -24.09
N GLY E 2 -2.14 -33.31 18.36
CA GLY E 2 -1.98 -34.02 17.06
C GLY E 2 -2.46 -33.20 15.89
N GLU E 3 -3.71 -32.73 15.95
CA GLU E 3 -4.37 -32.00 14.86
C GLU E 3 -3.69 -30.67 14.51
N ILE E 4 -3.25 -29.94 15.55
CA ILE E 4 -2.58 -28.66 15.38
C ILE E 4 -1.20 -28.88 14.78
N ALA E 5 -0.43 -29.81 15.36
CA ALA E 5 0.88 -30.15 14.84
C ALA E 5 0.81 -30.62 13.39
N GLN E 6 -0.18 -31.45 13.06
CA GLN E 6 -0.35 -31.98 11.71
C GLN E 6 -0.63 -30.87 10.70
N ALA E 7 -1.56 -29.97 11.05
CA ALA E 7 -1.86 -28.83 10.16
C ALA E 7 -0.62 -27.98 9.95
N LEU E 8 0.16 -27.75 11.01
CA LEU E 8 1.39 -26.97 10.90
C LEU E 8 2.45 -27.63 10.01
N LYS E 9 2.54 -28.96 10.06
CA LYS E 9 3.42 -29.70 9.15
C LYS E 9 3.00 -29.55 7.69
N GLU E 10 1.69 -29.55 7.45
CA GLU E 10 1.17 -29.36 6.08
C GLU E 10 1.42 -27.94 5.59
N ILE E 11 1.29 -26.96 6.49
CA ILE E 11 1.59 -25.57 6.20
C ILE E 11 3.08 -25.44 5.84
N ALA E 12 3.95 -26.03 6.66
CA ALA E 12 5.38 -26.00 6.41
C ALA E 12 5.71 -26.56 5.00
N GLN E 13 5.09 -27.70 4.65
CA GLN E 13 5.36 -28.36 3.38
C GLN E 13 4.92 -27.50 2.19
N ALA E 14 3.72 -26.91 2.29
CA ALA E 14 3.20 -26.04 1.23
C ALA E 14 4.08 -24.81 1.05
N LEU E 15 4.57 -24.24 2.15
CA LEU E 15 5.46 -23.07 2.08
C LEU E 15 6.83 -23.40 1.52
N LYS E 16 7.34 -24.60 1.78
CA LYS E 16 8.58 -25.04 1.16
C LYS E 16 8.42 -25.14 -0.37
N GLU E 17 7.30 -25.70 -0.82
CA GLU E 17 7.03 -25.84 -2.24
C GLU E 17 6.87 -24.48 -2.90
N SER E 18 6.17 -23.58 -2.21
CA SER E 18 5.99 -22.22 -2.69
C SER E 18 7.31 -21.46 -2.79
N ALA E 19 8.16 -21.57 -1.78
CA ALA E 19 9.49 -20.96 -1.79
C ALA E 19 10.34 -21.42 -3.00
N LYS E 20 10.31 -22.73 -3.29
CA LYS E 20 11.04 -23.27 -4.43
C LYS E 20 10.54 -22.65 -5.74
N ALA E 21 9.22 -22.60 -5.91
CA ALA E 21 8.62 -22.04 -7.10
C ALA E 21 8.89 -20.52 -7.25
N THR E 22 8.86 -19.79 -6.14
CA THR E 22 9.16 -18.38 -6.12
C THR E 22 10.62 -18.11 -6.54
N LYS E 23 11.53 -18.96 -6.08
CA LYS E 23 12.92 -18.88 -6.51
C LYS E 23 13.08 -19.09 -8.04
N GLU E 24 12.40 -20.11 -8.57
CA GLU E 24 12.46 -20.40 -10.00
C GLU E 24 11.86 -19.25 -10.81
N SER E 25 10.75 -18.71 -10.34
CA SER E 25 10.14 -17.54 -10.96
C SER E 25 11.06 -16.30 -10.96
N ALA E 26 11.71 -16.04 -9.83
CA ALA E 26 12.67 -14.96 -9.71
C ALA E 26 13.80 -15.09 -10.74
N TRP E 27 14.36 -16.30 -10.89
CA TRP E 27 15.41 -16.54 -11.89
C TRP E 27 14.91 -16.22 -13.31
N ALA E 28 13.72 -16.72 -13.64
CA ALA E 28 13.15 -16.46 -14.98
C ALA E 28 12.91 -14.95 -15.22
N THR E 29 12.44 -14.25 -14.17
CA THR E 29 12.23 -12.80 -14.26
C THR E 29 13.53 -12.04 -14.49
N LYS E 30 14.60 -12.47 -13.82
CA LYS E 30 15.93 -11.93 -14.08
C LYS E 30 16.37 -12.15 -15.51
N GLU E 31 16.09 -13.34 -16.07
CA GLU E 31 16.42 -13.62 -17.45
C GLU E 31 15.65 -12.73 -18.43
N ILE E 32 14.38 -12.46 -18.12
CA ILE E 32 13.56 -11.57 -18.93
C ILE E 32 14.17 -10.16 -18.92
N ALA E 33 14.53 -9.68 -17.72
CA ALA E 33 15.12 -8.34 -17.58
C ALA E 33 16.40 -8.24 -18.41
N GLN E 34 17.24 -9.28 -18.33
CA GLN E 34 18.49 -9.31 -19.06
C GLN E 34 18.25 -9.32 -20.58
N ALA E 35 17.27 -10.10 -21.04
CA ALA E 35 16.94 -10.14 -22.48
C ALA E 35 16.42 -8.80 -22.99
N LEU E 36 15.60 -8.11 -22.19
CA LEU E 36 15.06 -6.83 -22.60
C LEU E 36 16.09 -5.68 -22.53
N LYS E 37 17.11 -5.82 -21.67
CA LYS E 37 18.16 -4.81 -21.59
C LYS E 37 19.08 -4.90 -22.81
N GLY E 38 19.21 -6.08 -23.39
CA GLY E 38 20.03 -6.34 -24.55
C GLY E 38 21.29 -7.12 -24.17
N GLY F 2 -11.18 -28.54 17.01
CA GLY F 2 -11.45 -27.18 17.62
C GLY F 2 -11.41 -26.01 16.65
N GLU F 3 -11.66 -24.80 17.17
CA GLU F 3 -11.64 -23.55 16.39
C GLU F 3 -10.25 -23.23 15.83
N ILE F 4 -9.21 -23.46 16.65
CA ILE F 4 -7.83 -23.21 16.26
C ILE F 4 -7.41 -24.22 15.20
N ALA F 5 -7.66 -25.51 15.46
CA ALA F 5 -7.38 -26.56 14.49
C ALA F 5 -8.07 -26.31 13.15
N GLN F 6 -9.34 -25.91 13.19
CA GLN F 6 -10.13 -25.67 11.97
C GLN F 6 -9.54 -24.51 11.16
N ALA F 7 -9.19 -23.40 11.82
CA ALA F 7 -8.59 -22.28 11.14
C ALA F 7 -7.25 -22.70 10.49
N LEU F 8 -6.46 -23.50 11.20
CA LEU F 8 -5.19 -23.98 10.68
C LEU F 8 -5.36 -24.91 9.46
N LYS F 9 -6.40 -25.74 9.46
CA LYS F 9 -6.74 -26.57 8.29
C LYS F 9 -7.10 -25.71 7.08
N GLU F 10 -7.84 -24.62 7.30
CA GLU F 10 -8.18 -23.70 6.22
C GLU F 10 -6.94 -22.99 5.69
N ILE F 11 -6.03 -22.62 6.58
CA ILE F 11 -4.76 -22.00 6.22
C ILE F 11 -3.95 -22.98 5.36
N ALA F 12 -3.85 -24.23 5.83
CA ALA F 12 -3.12 -25.25 5.09
C ALA F 12 -3.67 -25.40 3.65
N GLN F 13 -5.00 -25.45 3.52
CA GLN F 13 -5.63 -25.64 2.23
C GLN F 13 -5.37 -24.47 1.28
N ALA F 14 -5.48 -23.24 1.80
CA ALA F 14 -5.25 -22.04 0.99
C ALA F 14 -3.78 -21.99 0.51
N LEU F 15 -2.85 -22.36 1.38
CA LEU F 15 -1.44 -22.39 1.05
C LEU F 15 -1.09 -23.48 0.04
N LYS F 16 -1.76 -24.62 0.11
CA LYS F 16 -1.59 -25.65 -0.91
C LYS F 16 -2.03 -25.14 -2.29
N GLU F 17 -3.16 -24.44 -2.33
CA GLU F 17 -3.67 -23.89 -3.59
C GLU F 17 -2.74 -22.83 -4.13
N SER F 18 -2.25 -21.98 -3.25
CA SER F 18 -1.31 -20.93 -3.62
C SER F 18 0.02 -21.51 -4.16
N ALA F 19 0.55 -22.54 -3.49
CA ALA F 19 1.76 -23.21 -3.95
C ALA F 19 1.60 -23.79 -5.36
N LYS F 20 0.46 -24.42 -5.64
CA LYS F 20 0.19 -24.97 -6.96
C LYS F 20 0.19 -23.89 -8.01
N ALA F 21 -0.50 -22.78 -7.73
CA ALA F 21 -0.58 -21.64 -8.65
C ALA F 21 0.78 -20.97 -8.88
N THR F 22 1.60 -20.86 -7.82
CA THR F 22 2.93 -20.31 -7.92
C THR F 22 3.82 -21.17 -8.82
N LYS F 23 3.69 -22.49 -8.71
CA LYS F 23 4.41 -23.40 -9.58
C LYS F 23 4.00 -23.21 -11.06
N GLU F 24 2.70 -23.11 -11.32
CA GLU F 24 2.20 -22.93 -12.68
C GLU F 24 2.69 -21.59 -13.26
N SER F 25 2.63 -20.56 -12.44
CA SER F 25 3.13 -19.24 -12.82
C SER F 25 4.65 -19.26 -13.15
N ALA F 26 5.44 -19.92 -12.30
CA ALA F 26 6.86 -20.08 -12.53
C ALA F 26 7.15 -20.76 -13.89
N TRP F 27 6.41 -21.82 -14.23
CA TRP F 27 6.60 -22.49 -15.50
C TRP F 27 6.32 -21.51 -16.68
N ALA F 28 5.21 -20.78 -16.59
CA ALA F 28 4.86 -19.82 -17.63
C ALA F 28 5.95 -18.70 -17.77
N THR F 29 6.47 -18.24 -16.63
CA THR F 29 7.51 -17.22 -16.61
C THR F 29 8.80 -17.74 -17.29
N LYS F 30 9.15 -19.00 -17.03
CA LYS F 30 10.25 -19.64 -17.75
C LYS F 30 10.02 -19.68 -19.25
N GLU F 31 8.79 -19.97 -19.68
CA GLU F 31 8.45 -19.95 -21.10
C GLU F 31 8.58 -18.58 -21.74
N ILE F 32 8.22 -17.54 -20.99
CA ILE F 32 8.40 -16.16 -21.43
C ILE F 32 9.90 -15.86 -21.63
N ALA F 33 10.71 -16.24 -20.64
CA ALA F 33 12.16 -16.05 -20.71
C ALA F 33 12.74 -16.73 -21.94
N GLN F 34 12.31 -17.98 -22.17
CA GLN F 34 12.78 -18.77 -23.33
C GLN F 34 12.36 -18.09 -24.64
N ALA F 35 11.12 -17.61 -24.73
CA ALA F 35 10.66 -16.91 -25.94
C ALA F 35 11.45 -15.63 -26.22
N LEU F 36 11.76 -14.87 -25.17
CA LEU F 36 12.50 -13.62 -25.33
C LEU F 36 14.00 -13.84 -25.61
N LYS F 37 14.55 -14.99 -25.20
CA LYS F 37 15.87 -15.55 -25.60
C LYS F 37 16.84 -15.43 -24.50
N GLY G 2 23.28 17.27 12.21
CA GLY G 2 22.89 16.37 13.36
C GLY G 2 21.62 15.55 13.17
N GLU G 3 21.20 14.88 14.24
CA GLU G 3 20.04 13.97 14.22
C GLU G 3 18.72 14.70 13.94
N ILE G 4 18.56 15.88 14.53
CA ILE G 4 17.38 16.71 14.36
C ILE G 4 17.33 17.25 12.94
N ALA G 5 18.44 17.84 12.48
CA ALA G 5 18.53 18.34 11.11
C ALA G 5 18.24 17.23 10.09
N GLN G 6 18.80 16.04 10.31
CA GLN G 6 18.62 14.92 9.39
C GLN G 6 17.15 14.48 9.31
N ALA G 7 16.49 14.35 10.46
CA ALA G 7 15.09 13.98 10.50
C ALA G 7 14.24 15.03 9.76
N LEU G 8 14.57 16.32 9.98
CA LEU G 8 13.85 17.40 9.30
C LEU G 8 14.03 17.37 7.78
N LYS G 9 15.23 17.03 7.30
CA LYS G 9 15.46 16.86 5.87
C LYS G 9 14.63 15.73 5.29
N GLU G 10 14.49 14.63 6.03
CA GLU G 10 13.66 13.50 5.59
C GLU G 10 12.19 13.88 5.54
N ILE G 11 11.76 14.66 6.54
CA ILE G 11 10.39 15.18 6.59
C ILE G 11 10.14 16.08 5.39
N ALA G 12 11.08 16.99 5.12
CA ALA G 12 10.95 17.90 3.96
C ALA G 12 10.79 17.10 2.66
N GLN G 13 11.60 16.05 2.48
CA GLN G 13 11.59 15.28 1.26
C GLN G 13 10.24 14.53 1.09
N ALA G 14 9.74 13.93 2.18
CA ALA G 14 8.47 13.21 2.13
C ALA G 14 7.31 14.16 1.81
N LEU G 15 7.34 15.37 2.38
CA LEU G 15 6.31 16.36 2.13
C LEU G 15 6.34 16.90 0.70
N LYS G 16 7.54 17.04 0.12
CA LYS G 16 7.65 17.42 -1.28
C LYS G 16 7.00 16.37 -2.19
N GLU G 17 7.27 15.09 -1.90
CA GLU G 17 6.72 13.99 -2.70
C GLU G 17 5.20 13.94 -2.56
N SER G 18 4.72 14.13 -1.33
CA SER G 18 3.30 14.14 -1.05
C SER G 18 2.57 15.30 -1.77
N ALA G 19 3.18 16.49 -1.74
CA ALA G 19 2.63 17.65 -2.44
C ALA G 19 2.47 17.40 -3.95
N LYS G 20 3.50 16.80 -4.57
CA LYS G 20 3.44 16.49 -5.99
C LYS G 20 2.28 15.53 -6.29
N ALA G 21 2.15 14.47 -5.49
CA ALA G 21 1.09 13.51 -5.68
C ALA G 21 -0.32 14.10 -5.45
N THR G 22 -0.44 14.97 -4.45
CA THR G 22 -1.70 15.63 -4.16
C THR G 22 -2.12 16.54 -5.33
N LYS G 23 -1.15 17.23 -5.92
CA LYS G 23 -1.43 18.03 -7.11
C LYS G 23 -1.94 17.18 -8.28
N GLU G 24 -1.28 16.04 -8.53
CA GLU G 24 -1.69 15.16 -9.62
C GLU G 24 -3.09 14.61 -9.39
N SER G 25 -3.36 14.21 -8.14
CA SER G 25 -4.67 13.75 -7.76
C SER G 25 -5.77 14.83 -7.94
N ALA G 26 -5.48 16.06 -7.51
CA ALA G 26 -6.38 17.18 -7.69
C ALA G 26 -6.74 17.38 -9.17
N TRP G 27 -5.74 17.34 -10.05
CA TRP G 27 -6.00 17.52 -11.47
C TRP G 27 -6.91 16.41 -12.00
N ALA G 28 -6.63 15.16 -11.64
CA ALA G 28 -7.47 14.03 -12.05
C ALA G 28 -8.91 14.17 -11.51
N THR G 29 -9.08 14.64 -10.27
CA THR G 29 -10.39 14.86 -9.68
C THR G 29 -11.18 15.93 -10.45
N LYS G 30 -10.50 16.99 -10.87
CA LYS G 30 -11.10 17.99 -11.76
C LYS G 30 -11.56 17.38 -13.08
N GLU G 31 -10.77 16.49 -13.64
CA GLU G 31 -11.14 15.79 -14.88
C GLU G 31 -12.35 14.89 -14.70
N ILE G 32 -12.45 14.23 -13.54
CA ILE G 32 -13.62 13.43 -13.19
C ILE G 32 -14.87 14.33 -13.14
N ALA G 33 -14.75 15.48 -12.46
CA ALA G 33 -15.87 16.42 -12.35
C ALA G 33 -16.33 16.86 -13.74
N GLN G 34 -15.36 17.18 -14.61
CA GLN G 34 -15.65 17.61 -15.98
C GLN G 34 -16.35 16.48 -16.76
N ALA G 35 -15.88 15.24 -16.63
CA ALA G 35 -16.50 14.10 -17.31
C ALA G 35 -17.94 13.84 -16.83
N LEU G 36 -18.19 13.99 -15.53
CA LEU G 36 -19.52 13.79 -14.99
C LEU G 36 -20.49 14.93 -15.29
N LYS G 37 -19.98 16.13 -15.52
CA LYS G 37 -20.81 17.27 -15.88
C LYS G 37 -21.30 17.14 -17.33
N GLY G 38 -20.50 16.46 -18.16
CA GLY G 38 -20.81 16.23 -19.57
C GLY G 38 -19.92 17.08 -20.46
N GLY H 2 17.78 11.72 21.54
CA GLY H 2 16.80 12.21 22.58
C GLY H 2 15.33 12.05 22.23
N GLU H 3 14.48 12.59 23.10
CA GLU H 3 13.02 12.58 22.97
C GLU H 3 12.52 13.33 21.72
N ILE H 4 13.14 14.49 21.45
CA ILE H 4 12.80 15.32 20.30
C ILE H 4 13.22 14.63 19.02
N ALA H 5 14.47 14.15 18.97
CA ALA H 5 14.97 13.41 17.81
C ALA H 5 14.09 12.19 17.51
N GLN H 6 13.73 11.43 18.56
CA GLN H 6 12.93 10.23 18.40
C GLN H 6 11.55 10.54 17.81
N ALA H 7 10.88 11.57 18.35
CA ALA H 7 9.57 11.98 17.84
C ALA H 7 9.69 12.39 16.37
N LEU H 8 10.75 13.12 16.03
CA LEU H 8 10.96 13.55 14.65
C LEU H 8 11.18 12.36 13.68
N LYS H 9 11.90 11.33 14.14
CA LYS H 9 12.05 10.11 13.35
C LYS H 9 10.73 9.41 13.11
N GLU H 10 9.86 9.39 14.12
CA GLU H 10 8.52 8.79 13.98
C GLU H 10 7.66 9.59 13.00
N ILE H 11 7.78 10.91 13.06
CA ILE H 11 7.08 11.82 12.17
C ILE H 11 7.55 11.56 10.73
N ALA H 12 8.88 11.48 10.53
CA ALA H 12 9.43 11.21 9.22
C ALA H 12 8.89 9.91 8.65
N GLN H 13 8.84 8.86 9.47
CA GLN H 13 8.39 7.55 9.01
C GLN H 13 6.90 7.57 8.59
N ALA H 14 6.06 8.22 9.41
CA ALA H 14 4.62 8.31 9.11
C ALA H 14 4.39 9.09 7.80
N LEU H 15 5.16 10.16 7.60
CA LEU H 15 5.06 10.96 6.38
C LEU H 15 5.53 10.23 5.13
N LYS H 16 6.57 9.40 5.27
CA LYS H 16 7.00 8.55 4.17
C LYS H 16 5.89 7.59 3.75
N GLU H 17 5.22 6.98 4.74
CA GLU H 17 4.13 6.03 4.48
C GLU H 17 2.96 6.73 3.82
N SER H 18 2.64 7.92 4.32
CA SER H 18 1.57 8.71 3.76
C SER H 18 1.84 9.14 2.30
N ALA H 19 3.08 9.58 2.03
CA ALA H 19 3.49 9.95 0.68
C ALA H 19 3.34 8.78 -0.31
N LYS H 20 3.75 7.57 0.11
CA LYS H 20 3.63 6.39 -0.75
C LYS H 20 2.15 6.12 -1.08
N ALA H 21 1.29 6.17 -0.05
CA ALA H 21 -0.12 5.92 -0.25
C ALA H 21 -0.80 7.01 -1.13
N THR H 22 -0.41 8.26 -0.96
CA THR H 22 -0.92 9.35 -1.75
C THR H 22 -0.53 9.19 -3.23
N LYS H 23 0.69 8.73 -3.49
CA LYS H 23 1.10 8.42 -4.85
C LYS H 23 0.25 7.33 -5.51
N GLU H 24 0.01 6.24 -4.75
CA GLU H 24 -0.77 5.12 -5.25
C GLU H 24 -2.22 5.58 -5.53
N SER H 25 -2.77 6.37 -4.60
CA SER H 25 -4.10 6.92 -4.77
C SER H 25 -4.22 7.85 -5.99
N ALA H 26 -3.23 8.70 -6.20
CA ALA H 26 -3.16 9.58 -7.36
C ALA H 26 -3.21 8.78 -8.67
N TRP H 27 -2.43 7.69 -8.75
N TRP H 27 -2.44 7.69 -8.75
CA TRP H 27 -2.44 6.86 -9.95
CA TRP H 27 -2.45 6.87 -9.96
C TRP H 27 -3.88 6.29 -10.20
C TRP H 27 -3.87 6.29 -10.20
N ALA H 28 -4.48 5.76 -9.14
CA ALA H 28 -5.83 5.21 -9.25
C ALA H 28 -6.87 6.29 -9.66
N THR H 29 -6.74 7.51 -9.13
CA THR H 29 -7.62 8.62 -9.48
C THR H 29 -7.48 8.99 -10.97
N LYS H 30 -6.24 8.98 -11.47
CA LYS H 30 -6.03 9.14 -12.90
C LYS H 30 -6.71 8.07 -13.73
N GLU H 31 -6.66 6.82 -13.27
CA GLU H 31 -7.34 5.74 -13.96
C GLU H 31 -8.86 5.89 -13.95
N ILE H 32 -9.42 6.39 -12.86
CA ILE H 32 -10.84 6.70 -12.77
C ILE H 32 -11.21 7.78 -13.82
N ALA H 33 -10.41 8.84 -13.89
CA ALA H 33 -10.65 9.92 -14.84
C ALA H 33 -10.64 9.36 -16.28
N GLN H 34 -9.65 8.52 -16.57
CA GLN H 34 -9.50 7.91 -17.90
C GLN H 34 -10.70 7.02 -18.23
N ALA H 35 -11.16 6.21 -17.26
CA ALA H 35 -12.33 5.34 -17.46
C ALA H 35 -13.60 6.15 -17.73
N LEU H 36 -13.78 7.25 -17.01
CA LEU H 36 -14.97 8.08 -17.18
C LEU H 36 -14.94 8.93 -18.45
N LYS H 37 -13.75 9.23 -18.97
CA LYS H 37 -13.63 9.98 -20.23
C LYS H 37 -13.99 9.09 -21.41
N GLY H 38 -13.78 7.78 -21.27
CA GLY H 38 -14.04 6.81 -22.31
C GLY H 38 -15.23 5.95 -22.00
N GLY I 2 9.29 17.38 28.12
CA GLY I 2 8.82 18.83 28.16
C GLY I 2 7.73 19.17 27.14
N GLU I 3 7.43 20.48 27.04
CA GLU I 3 6.33 21.00 26.23
C GLU I 3 6.54 20.74 24.72
N ILE I 4 7.78 20.91 24.26
CA ILE I 4 8.16 20.70 22.87
C ILE I 4 8.07 19.22 22.54
N ALA I 5 8.69 18.39 23.38
CA ALA I 5 8.63 16.93 23.20
C ALA I 5 7.19 16.41 23.18
N GLN I 6 6.36 16.92 24.10
CA GLN I 6 4.97 16.50 24.19
C GLN I 6 4.18 16.84 22.92
N ALA I 7 4.34 18.07 22.43
CA ALA I 7 3.67 18.49 21.20
C ALA I 7 4.11 17.60 20.03
N LEU I 8 5.40 17.30 19.96
CA LEU I 8 5.93 16.45 18.90
C LEU I 8 5.38 15.01 18.96
N LYS I 9 5.19 14.47 20.17
CA LYS I 9 4.56 13.18 20.33
C LYS I 9 3.11 13.18 19.84
N GLU I 10 2.39 14.26 20.10
CA GLU I 10 1.01 14.38 19.63
C GLU I 10 0.96 14.49 18.10
N ILE I 11 1.91 15.22 17.53
CA ILE I 11 2.06 15.36 16.08
C ILE I 11 2.33 13.98 15.47
N ALA I 12 3.29 13.25 16.06
CA ALA I 12 3.62 11.90 15.58
C ALA I 12 2.36 11.01 15.57
N GLN I 13 1.58 11.05 16.64
CA GLN I 13 0.39 10.20 16.77
C GLN I 13 -0.67 10.55 15.72
N ALA I 14 -0.91 11.84 15.51
CA ALA I 14 -1.90 12.30 14.53
C ALA I 14 -1.47 11.87 13.11
N LEU I 15 -0.18 11.98 12.81
CA LEU I 15 0.35 11.58 11.51
C LEU I 15 0.29 10.07 11.28
N LYS I 16 0.49 9.28 12.33
CA LYS I 16 0.32 7.83 12.23
C LYS I 16 -1.14 7.49 11.89
N GLU I 17 -2.09 8.16 12.54
CA GLU I 17 -3.51 7.91 12.30
C GLU I 17 -3.89 8.32 10.88
N SER I 18 -3.36 9.47 10.44
CA SER I 18 -3.61 9.94 9.11
C SER I 18 -3.03 8.99 8.03
N ALA I 19 -1.81 8.50 8.24
CA ALA I 19 -1.20 7.54 7.34
C ALA I 19 -2.04 6.26 7.18
N LYS I 20 -2.56 5.73 8.30
CA LYS I 20 -3.40 4.54 8.26
C LYS I 20 -4.66 4.79 7.42
N ALA I 21 -5.31 5.93 7.65
CA ALA I 21 -6.51 6.29 6.91
C ALA I 21 -6.23 6.54 5.41
N THR I 22 -5.10 7.16 5.09
CA THR I 22 -4.68 7.39 3.72
C THR I 22 -4.46 6.07 2.98
N LYS I 23 -3.87 5.09 3.67
CA LYS I 23 -3.71 3.76 3.08
C LYS I 23 -5.05 3.10 2.78
N GLU I 24 -6.00 3.18 3.73
CA GLU I 24 -7.32 2.60 3.55
C GLU I 24 -8.04 3.26 2.37
N SER I 25 -7.96 4.60 2.30
CA SER I 25 -8.53 5.35 1.20
C SER I 25 -7.91 4.98 -0.17
N ALA I 26 -6.57 4.84 -0.22
CA ALA I 26 -5.89 4.42 -1.43
C ALA I 26 -6.39 3.07 -1.92
N TRP I 27 -6.55 2.09 -1.02
CA TRP I 27 -7.05 0.79 -1.40
C TRP I 27 -8.45 0.90 -2.00
N ALA I 28 -9.33 1.64 -1.34
CA ALA I 28 -10.72 1.81 -1.83
C ALA I 28 -10.73 2.51 -3.20
N THR I 29 -9.85 3.49 -3.40
CA THR I 29 -9.75 4.19 -4.69
C THR I 29 -9.31 3.25 -5.80
N LYS I 30 -8.35 2.37 -5.50
CA LYS I 30 -7.96 1.32 -6.42
C LYS I 30 -9.11 0.40 -6.79
N GLU I 31 -9.94 0.03 -5.80
CA GLU I 31 -11.11 -0.79 -6.06
C GLU I 31 -12.13 -0.09 -6.95
N ILE I 32 -12.31 1.21 -6.76
CA ILE I 32 -13.20 2.01 -7.61
C ILE I 32 -12.68 2.00 -9.04
N ALA I 33 -11.37 2.24 -9.21
CA ALA I 33 -10.76 2.24 -10.55
C ALA I 33 -11.00 0.91 -11.24
N GLN I 34 -10.77 -0.18 -10.51
CA GLN I 34 -10.95 -1.52 -11.06
C GLN I 34 -12.41 -1.77 -11.45
N ALA I 35 -13.36 -1.35 -10.60
CA ALA I 35 -14.79 -1.50 -10.89
C ALA I 35 -15.22 -0.71 -12.13
N LEU I 36 -14.69 0.50 -12.29
CA LEU I 36 -15.04 1.34 -13.44
C LEU I 36 -14.37 0.89 -14.74
N LYS I 37 -13.22 0.20 -14.64
CA LYS I 37 -12.55 -0.33 -15.82
C LYS I 37 -13.30 -1.53 -16.37
N GLY I 38 -13.99 -2.26 -15.50
CA GLY I 38 -14.77 -3.44 -15.85
C GLY I 38 -14.06 -4.71 -15.38
N GLY J 2 8.46 29.91 24.45
CA GLY J 2 6.98 30.12 24.37
C GLY J 2 6.47 30.06 22.96
N GLU J 3 7.08 30.84 22.05
CA GLU J 3 6.65 30.95 20.66
C GLU J 3 6.74 29.62 19.88
N ILE J 4 7.83 28.87 20.12
CA ILE J 4 8.05 27.59 19.46
C ILE J 4 7.03 26.56 19.96
N ALA J 5 6.91 26.46 21.30
CA ALA J 5 5.93 25.56 21.91
C ALA J 5 4.51 25.86 21.42
N GLN J 6 4.15 27.15 21.37
CA GLN J 6 2.82 27.56 20.95
C GLN J 6 2.52 27.16 19.49
N ALA J 7 3.49 27.42 18.59
CA ALA J 7 3.32 27.04 17.20
C ALA J 7 3.15 25.53 17.07
N LEU J 8 3.94 24.77 17.84
CA LEU J 8 3.85 23.31 17.81
C LEU J 8 2.48 22.79 18.31
N LYS J 9 1.92 23.45 19.33
CA LYS J 9 0.56 23.12 19.79
C LYS J 9 -0.49 23.36 18.73
N GLU J 10 -0.33 24.45 17.97
CA GLU J 10 -1.25 24.76 16.87
C GLU J 10 -1.13 23.75 15.74
N ILE J 11 0.11 23.33 15.46
CA ILE J 11 0.40 22.29 14.45
C ILE J 11 -0.25 20.98 14.88
N ALA J 12 -0.07 20.60 16.15
CA ALA J 12 -0.67 19.38 16.67
C ALA J 12 -2.20 19.40 16.49
N GLN J 13 -2.83 20.53 16.82
CA GLN J 13 -4.28 20.64 16.76
C GLN J 13 -4.79 20.53 15.32
N ALA J 14 -4.12 21.20 14.38
CA ALA J 14 -4.50 21.14 12.97
C ALA J 14 -4.36 19.72 12.42
N LEU J 15 -3.30 19.02 12.81
CA LEU J 15 -3.07 17.64 12.38
C LEU J 15 -4.08 16.66 12.96
N LYS J 16 -4.51 16.89 14.20
CA LYS J 16 -5.59 16.09 14.79
C LYS J 16 -6.89 16.26 14.00
N GLU J 17 -7.22 17.49 13.62
CA GLU J 17 -8.42 17.77 12.85
C GLU J 17 -8.34 17.14 11.47
N SER J 18 -7.18 17.25 10.85
CA SER J 18 -6.93 16.67 9.54
C SER J 18 -7.02 15.13 9.57
N ALA J 19 -6.46 14.51 10.59
CA ALA J 19 -6.56 13.05 10.78
C ALA J 19 -8.01 12.58 10.88
N LYS J 20 -8.84 13.32 11.64
CA LYS J 20 -10.25 12.98 11.77
C LYS J 20 -10.95 13.04 10.41
N ALA J 21 -10.71 14.12 9.66
CA ALA J 21 -11.31 14.31 8.35
C ALA J 21 -10.83 13.24 7.32
N THR J 22 -9.55 12.87 7.39
CA THR J 22 -8.99 11.83 6.53
C THR J 22 -9.66 10.48 6.82
N LYS J 23 -9.89 10.19 8.09
CA LYS J 23 -10.61 8.99 8.47
C LYS J 23 -12.04 8.96 7.93
N GLU J 24 -12.76 10.09 8.04
CA GLU J 24 -14.14 10.17 7.55
C GLU J 24 -14.17 10.00 6.05
N SER J 25 -13.23 10.63 5.35
CA SER J 25 -13.09 10.46 3.91
C SER J 25 -12.82 9.00 3.50
N ALA J 26 -11.89 8.33 4.21
CA ALA J 26 -11.61 6.94 3.97
C ALA J 26 -12.86 6.05 4.12
N TRP J 27 -13.65 6.28 5.18
CA TRP J 27 -14.87 5.50 5.40
C TRP J 27 -15.84 5.69 4.23
N ALA J 28 -16.03 6.94 3.81
CA ALA J 28 -16.95 7.23 2.71
C ALA J 28 -16.45 6.60 1.40
N THR J 29 -15.13 6.66 1.17
CA THR J 29 -14.54 6.06 -0.03
C THR J 29 -14.73 4.56 -0.06
N LYS J 30 -14.60 3.91 1.08
CA LYS J 30 -14.91 2.48 1.19
C LYS J 30 -16.35 2.19 0.81
N GLU J 31 -17.28 3.04 1.28
CA GLU J 31 -18.69 2.87 0.93
C GLU J 31 -18.96 3.04 -0.58
N ILE J 32 -18.25 3.98 -1.20
CA ILE J 32 -18.34 4.18 -2.64
C ILE J 32 -17.85 2.92 -3.38
N ALA J 33 -16.70 2.39 -2.95
CA ALA J 33 -16.14 1.16 -3.56
C ALA J 33 -17.13 0.02 -3.45
N GLN J 34 -17.74 -0.13 -2.29
CA GLN J 34 -18.73 -1.20 -2.04
C GLN J 34 -19.95 -1.02 -2.95
N ALA J 35 -20.45 0.22 -3.08
CA ALA J 35 -21.60 0.49 -3.94
C ALA J 35 -21.29 0.19 -5.44
N LEU J 36 -20.08 0.54 -5.88
CA LEU J 36 -19.71 0.30 -7.26
C LEU J 36 -19.38 -1.16 -7.58
N LYS J 37 -18.97 -1.92 -6.57
CA LYS J 37 -18.71 -3.35 -6.76
C LYS J 37 -20.01 -4.13 -6.92
N GLY J 38 -21.09 -3.61 -6.32
CA GLY J 38 -22.41 -4.22 -6.39
C GLY J 38 -22.78 -4.85 -5.05
N GLY K 2 13.14 33.29 16.36
CA GLY K 2 13.08 34.20 15.20
C GLY K 2 12.77 33.45 13.91
N GLU K 3 13.80 32.96 13.23
CA GLU K 3 13.64 32.22 11.98
C GLU K 3 12.91 30.89 12.15
N ILE K 4 13.20 30.18 13.24
CA ILE K 4 12.58 28.90 13.56
C ILE K 4 11.11 29.13 13.92
N ALA K 5 10.86 30.09 14.83
CA ALA K 5 9.49 30.42 15.21
C ALA K 5 8.66 30.84 14.00
N GLN K 6 9.24 31.67 13.13
CA GLN K 6 8.54 32.18 11.96
C GLN K 6 8.15 31.04 10.99
N ALA K 7 9.09 30.13 10.73
CA ALA K 7 8.82 28.99 9.86
C ALA K 7 7.70 28.13 10.46
N LEU K 8 7.73 27.93 11.78
CA LEU K 8 6.70 27.15 12.46
C LEU K 8 5.31 27.79 12.38
N LYS K 9 5.25 29.12 12.47
CA LYS K 9 4.01 29.85 12.27
C LYS K 9 3.44 29.66 10.87
N GLU K 10 4.32 29.66 9.86
CA GLU K 10 3.89 29.44 8.48
C GLU K 10 3.40 28.01 8.27
N ILE K 11 4.08 27.06 8.92
CA ILE K 11 3.68 25.65 8.90
C ILE K 11 2.29 25.50 9.52
N ALA K 12 2.10 26.13 10.70
CA ALA K 12 0.81 26.06 11.38
C ALA K 12 -0.31 26.58 10.48
N GLN K 13 -0.07 27.72 9.81
CA GLN K 13 -1.08 28.35 8.97
C GLN K 13 -1.45 27.46 7.77
N ALA K 14 -0.44 26.89 7.12
CA ALA K 14 -0.67 26.01 5.98
C ALA K 14 -1.46 24.76 6.39
N LEU K 15 -1.14 24.21 7.56
CA LEU K 15 -1.86 23.03 8.07
C LEU K 15 -3.30 23.33 8.47
N LYS K 16 -3.55 24.53 9.00
CA LYS K 16 -4.92 24.96 9.26
C LYS K 16 -5.75 25.03 7.97
N GLU K 17 -5.16 25.59 6.91
CA GLU K 17 -5.83 25.71 5.62
C GLU K 17 -6.10 24.33 5.03
N SER K 18 -5.10 23.45 5.14
CA SER K 18 -5.22 22.09 4.65
C SER K 18 -6.32 21.30 5.40
N ALA K 19 -6.35 21.44 6.74
CA ALA K 19 -7.37 20.80 7.54
C ALA K 19 -8.79 21.24 7.12
N LYS K 20 -8.99 22.53 6.88
CA LYS K 20 -10.28 23.04 6.46
C LYS K 20 -10.71 22.41 5.13
N ALA K 21 -9.78 22.38 4.17
CA ALA K 21 -10.06 21.79 2.87
C ALA K 21 -10.33 20.26 2.94
N THR K 22 -9.58 19.56 3.79
CA THR K 22 -9.78 18.14 4.00
C THR K 22 -11.17 17.85 4.58
N LYS K 23 -11.61 18.69 5.51
CA LYS K 23 -12.96 18.58 6.04
C LYS K 23 -14.03 18.75 4.96
N GLU K 24 -13.87 19.78 4.12
CA GLU K 24 -14.83 20.06 3.04
C GLU K 24 -14.86 18.88 2.05
N SER K 25 -13.68 18.35 1.71
CA SER K 25 -13.57 17.19 0.86
C SER K 25 -14.26 15.94 1.44
N ALA K 26 -14.04 15.68 2.73
CA ALA K 26 -14.68 14.60 3.45
C ALA K 26 -16.22 14.70 3.37
N TRP K 27 -16.77 15.90 3.59
CA TRP K 27 -18.22 16.08 3.54
C TRP K 27 -18.74 15.77 2.13
N ALA K 28 -18.06 16.28 1.10
CA ALA K 28 -18.46 16.01 -0.28
C ALA K 28 -18.37 14.52 -0.62
N THR K 29 -17.34 13.83 -0.13
CA THR K 29 -17.19 12.39 -0.35
C THR K 29 -18.32 11.60 0.30
N LYS K 30 -18.73 12.02 1.50
CA LYS K 30 -19.91 11.44 2.15
C LYS K 30 -21.17 11.63 1.30
N GLU K 31 -21.33 12.81 0.71
CA GLU K 31 -22.47 13.08 -0.17
C GLU K 31 -22.46 12.22 -1.44
N ILE K 32 -21.27 11.98 -1.99
CA ILE K 32 -21.11 11.08 -3.12
C ILE K 32 -21.54 9.66 -2.74
N ALA K 33 -21.08 9.19 -1.57
CA ALA K 33 -21.42 7.85 -1.07
C ALA K 33 -22.95 7.73 -0.94
N GLN K 34 -23.57 8.76 -0.37
CA GLN K 34 -25.02 8.77 -0.17
C GLN K 34 -25.76 8.74 -1.51
N ALA K 35 -25.30 9.53 -2.50
CA ALA K 35 -25.90 9.55 -3.82
C ALA K 35 -25.79 8.19 -4.54
N LEU K 36 -24.63 7.53 -4.41
CA LEU K 36 -24.43 6.25 -5.06
C LEU K 36 -25.15 5.09 -4.36
N LYS K 37 -25.44 5.23 -3.05
CA LYS K 37 -26.19 4.20 -2.33
C LYS K 37 -27.66 4.23 -2.74
N GLY K 38 -28.15 5.41 -3.13
CA GLY K 38 -29.54 5.63 -3.51
C GLY K 38 -30.31 6.36 -2.39
N GLY L 2 20.44 28.74 9.75
CA GLY L 2 21.03 27.38 10.01
C GLY L 2 20.39 26.22 9.23
N GLU L 3 20.91 25.02 9.49
CA GLU L 3 20.42 23.78 8.90
C GLU L 3 18.96 23.45 9.31
N ILE L 4 18.65 23.72 10.59
CA ILE L 4 17.32 23.50 11.13
C ILE L 4 16.33 24.49 10.52
N ALA L 5 16.69 25.77 10.54
CA ALA L 5 15.85 26.81 9.93
C ALA L 5 15.59 26.53 8.44
N GLN L 6 16.64 26.12 7.71
CA GLN L 6 16.52 25.85 6.28
C GLN L 6 15.55 24.68 6.00
N ALA L 7 15.69 23.59 6.77
CA ALA L 7 14.80 22.44 6.62
C ALA L 7 13.35 22.86 6.91
N LEU L 8 13.15 23.68 7.94
CA LEU L 8 11.82 24.17 8.29
C LEU L 8 11.20 25.05 7.21
N LYS L 9 12.01 25.87 6.55
CA LYS L 9 11.55 26.66 5.41
C LYS L 9 11.11 25.78 4.26
N GLU L 10 11.85 24.70 4.00
CA GLU L 10 11.47 23.76 2.95
C GLU L 10 10.16 23.04 3.28
N ILE L 11 10.00 22.68 4.56
CA ILE L 11 8.77 22.07 5.05
C ILE L 11 7.60 23.03 4.87
N ALA L 12 7.79 24.30 5.26
CA ALA L 12 6.76 25.31 5.11
C ALA L 12 6.32 25.43 3.64
N GLN L 13 7.29 25.45 2.71
CA GLN L 13 7.00 25.63 1.29
C GLN L 13 6.22 24.43 0.73
N ALA L 14 6.63 23.22 1.10
CA ALA L 14 5.95 22.00 0.65
C ALA L 14 4.50 21.95 1.18
N LEU L 15 4.30 22.36 2.42
CA LEU L 15 2.96 22.40 3.03
C LEU L 15 2.06 23.48 2.41
N LYS L 16 2.63 24.60 1.99
CA LYS L 16 1.87 25.61 1.27
C LYS L 16 1.37 25.04 -0.08
N GLU L 17 2.25 24.32 -0.79
CA GLU L 17 1.89 23.72 -2.05
C GLU L 17 0.83 22.66 -1.88
N SER L 18 0.99 21.85 -0.83
CA SER L 18 0.03 20.80 -0.50
C SER L 18 -1.33 21.37 -0.13
N ALA L 19 -1.37 22.45 0.65
CA ALA L 19 -2.62 23.14 1.00
C ALA L 19 -3.37 23.62 -0.25
N LYS L 20 -2.64 24.21 -1.21
CA LYS L 20 -3.25 24.68 -2.45
C LYS L 20 -3.90 23.49 -3.21
N ALA L 21 -3.15 22.39 -3.33
CA ALA L 21 -3.65 21.21 -4.01
C ALA L 21 -4.85 20.55 -3.31
N THR L 22 -4.83 20.54 -1.97
CA THR L 22 -5.92 20.01 -1.18
C THR L 22 -7.20 20.84 -1.39
N LYS L 23 -7.03 22.17 -1.44
CA LYS L 23 -8.15 23.04 -1.76
C LYS L 23 -8.74 22.77 -3.12
N GLU L 24 -7.89 22.63 -4.15
CA GLU L 24 -8.33 22.37 -5.54
C GLU L 24 -9.07 21.05 -5.60
N SER L 25 -8.52 20.02 -4.93
CA SER L 25 -9.19 18.74 -4.83
C SER L 25 -10.59 18.80 -4.18
N ALA L 26 -10.66 19.51 -3.04
CA ALA L 26 -11.92 19.73 -2.35
C ALA L 26 -12.97 20.38 -3.26
N TRP L 27 -12.59 21.43 -4.00
CA TRP L 27 -13.51 22.10 -4.89
C TRP L 27 -14.06 21.13 -5.95
N ALA L 28 -13.15 20.35 -6.56
CA ALA L 28 -13.55 19.41 -7.58
C ALA L 28 -14.47 18.30 -7.00
N THR L 29 -14.17 17.84 -5.79
CA THR L 29 -14.99 16.83 -5.12
C THR L 29 -16.40 17.33 -4.84
N LYS L 30 -16.51 18.60 -4.44
CA LYS L 30 -17.82 19.24 -4.30
C LYS L 30 -18.58 19.26 -5.60
N GLU L 31 -17.90 19.55 -6.70
CA GLU L 31 -18.53 19.53 -8.03
C GLU L 31 -19.02 18.15 -8.43
N ILE L 32 -18.24 17.12 -8.08
CA ILE L 32 -18.64 15.72 -8.30
C ILE L 32 -19.93 15.42 -7.53
N ALA L 33 -19.95 15.81 -6.25
CA ALA L 33 -21.12 15.58 -5.39
C ALA L 33 -22.36 16.25 -5.99
N GLN L 34 -22.19 17.48 -6.45
CA GLN L 34 -23.27 18.26 -7.05
C GLN L 34 -23.77 17.59 -8.33
N ALA L 35 -22.86 17.11 -9.19
CA ALA L 35 -23.24 16.43 -10.43
C ALA L 35 -24.00 15.15 -10.16
N LEU L 36 -23.57 14.38 -9.16
CA LEU L 36 -24.24 13.12 -8.83
C LEU L 36 -25.57 13.29 -8.12
N LYS L 37 -25.76 14.42 -7.43
CA LYS L 37 -27.04 14.70 -6.77
C LYS L 37 -28.10 15.07 -7.79
N GLY L 38 -27.67 15.64 -8.93
CA GLY L 38 -28.55 16.05 -10.01
C GLY L 38 -28.68 17.57 -10.05
#